data_1T74
#
_entry.id   1T74
#
_cell.length_a   56.426
_cell.length_b   66.383
_cell.length_c   72.063
_cell.angle_alpha   90.00
_cell.angle_beta   90.00
_cell.angle_gamma   90.00
#
_symmetry.space_group_name_H-M   'P 21 21 21'
#
loop_
_entity.id
_entity.type
_entity.pdbx_description
1 polymer 'Androgen receptor'
2 polymer 'WxxLF motif peptide'
3 non-polymer 'SULFATE ION'
4 non-polymer 5-ALPHA-DIHYDROTESTOSTERONE
5 non-polymer 1,2-ETHANEDIOL
6 water water
#
loop_
_entity_poly.entity_id
_entity_poly.type
_entity_poly.pdbx_seq_one_letter_code
_entity_poly.pdbx_strand_id
1 'polypeptide(L)'
;GSPGISGGGGGSHIEGYECQPIFLNVLEAIEPGVVCAGHDNNQPDSFAALLSSLNELGERQLVHVVKWAKALPGFRNLHV
DDQMAVIQYSWMGLMVFAMGWRSFTNVNSRMLYFAPDLVFNEYRMHKSRMYSQCVRMRHLSQEFGWLQITPQEFLCMKAL
LLFSIIPVDGLKNQKFFDELRMNYIKELDRIIACKRKNPTSCSRRFYQLTKLLDSVQPIARELHQFTFDLLIKSHMVSVD
FPEMMAEIISVQVPKILSGKVKPIYFHTQ
;
A
2 'polypeptide(L)' SRWQALFDDGTDTSR B
#
# COMPACT_ATOMS: atom_id res chain seq x y z
N GLN A 20 17.77 -22.69 4.14
CA GLN A 20 17.13 -21.67 5.02
C GLN A 20 16.54 -20.53 4.17
N PRO A 21 15.26 -20.19 4.40
CA PRO A 21 14.59 -19.13 3.66
C PRO A 21 15.06 -17.76 4.12
N ILE A 22 16.25 -17.35 3.67
CA ILE A 22 16.82 -16.07 4.04
C ILE A 22 15.87 -14.91 3.73
N PHE A 23 15.37 -14.87 2.49
CA PHE A 23 14.47 -13.82 2.05
C PHE A 23 13.27 -13.63 2.97
N LEU A 24 12.58 -14.73 3.28
CA LEU A 24 11.41 -14.68 4.16
C LEU A 24 11.80 -14.24 5.56
N ASN A 25 12.94 -14.72 6.03
CA ASN A 25 13.43 -14.34 7.35
C ASN A 25 13.46 -12.81 7.43
N VAL A 26 14.02 -12.20 6.39
CA VAL A 26 14.12 -10.74 6.34
C VAL A 26 12.76 -10.05 6.31
N LEU A 27 11.87 -10.53 5.44
CA LEU A 27 10.54 -9.92 5.32
C LEU A 27 9.76 -9.98 6.62
N GLU A 28 9.81 -11.12 7.31
CA GLU A 28 9.10 -11.30 8.58
C GLU A 28 9.73 -10.43 9.67
N ALA A 29 11.05 -10.31 9.63
CA ALA A 29 11.77 -9.54 10.63
C ALA A 29 11.52 -8.05 10.54
N ILE A 30 11.39 -7.52 9.33
CA ILE A 30 11.18 -6.09 9.13
C ILE A 30 9.74 -5.63 9.06
N GLU A 31 8.79 -6.56 9.08
CA GLU A 31 7.37 -6.21 8.99
C GLU A 31 6.99 -5.22 10.09
N PRO A 32 6.42 -4.07 9.72
CA PRO A 32 5.99 -3.02 10.66
C PRO A 32 4.96 -3.48 11.68
N GLY A 33 5.06 -2.94 12.88
CA GLY A 33 4.12 -3.28 13.94
C GLY A 33 2.87 -2.44 13.89
N VAL A 34 2.14 -2.39 15.00
CA VAL A 34 0.90 -1.63 15.11
C VAL A 34 1.12 -0.13 15.10
N VAL A 35 0.27 0.57 14.36
CA VAL A 35 0.36 2.01 14.26
C VAL A 35 -1.02 2.61 14.56
N CYS A 36 -1.09 3.49 15.55
CA CYS A 36 -2.37 4.10 15.89
C CYS A 36 -2.52 5.41 15.14
N ALA A 37 -3.78 5.77 14.87
CA ALA A 37 -4.09 6.98 14.14
C ALA A 37 -4.20 8.18 15.09
N GLY A 38 -4.47 7.91 16.37
CA GLY A 38 -4.61 8.97 17.35
C GLY A 38 -5.98 9.61 17.28
N HIS A 39 -6.94 8.88 16.73
CA HIS A 39 -8.30 9.38 16.57
C HIS A 39 -9.06 9.51 17.89
N ASP A 40 -9.78 10.61 18.05
CA ASP A 40 -10.59 10.86 19.24
C ASP A 40 -11.92 10.15 19.02
N ASN A 41 -12.04 8.93 19.49
CA ASN A 41 -13.27 8.17 19.31
C ASN A 41 -14.45 8.72 20.11
N ASN A 42 -14.20 9.77 20.90
CA ASN A 42 -15.25 10.39 21.71
C ASN A 42 -16.07 11.39 20.92
N GLN A 43 -15.46 12.08 19.97
CA GLN A 43 -16.21 13.04 19.19
C GLN A 43 -16.99 12.37 18.06
N PRO A 44 -18.01 13.06 17.53
CA PRO A 44 -18.86 12.55 16.46
C PRO A 44 -18.12 12.14 15.20
N ASP A 45 -18.71 11.21 14.46
CA ASP A 45 -18.13 10.74 13.21
C ASP A 45 -18.41 11.73 12.09
N SER A 46 -17.62 12.79 12.02
CA SER A 46 -17.81 13.77 10.97
C SER A 46 -16.82 13.48 9.85
N PHE A 47 -17.09 14.05 8.68
CA PHE A 47 -16.21 13.88 7.53
C PHE A 47 -14.85 14.48 7.88
N ALA A 48 -14.87 15.71 8.42
CA ALA A 48 -13.65 16.42 8.78
C ALA A 48 -12.78 15.63 9.75
N ALA A 49 -13.39 15.12 10.81
CA ALA A 49 -12.67 14.35 11.83
C ALA A 49 -12.15 13.02 11.30
N LEU A 50 -12.99 12.29 10.59
CA LEU A 50 -12.58 10.99 10.07
C LEU A 50 -11.42 11.14 9.08
N LEU A 51 -11.55 12.06 8.14
CA LEU A 51 -10.49 12.26 7.16
C LEU A 51 -9.22 12.87 7.74
N SER A 52 -9.35 13.75 8.73
CA SER A 52 -8.17 14.33 9.33
C SER A 52 -7.38 13.25 10.05
N SER A 53 -8.08 12.31 10.68
CA SER A 53 -7.41 11.22 11.38
C SER A 53 -6.80 10.25 10.37
N LEU A 54 -7.48 10.02 9.25
CA LEU A 54 -6.94 9.11 8.22
C LEU A 54 -5.66 9.72 7.66
N ASN A 55 -5.63 11.05 7.56
CA ASN A 55 -4.44 11.74 7.06
C ASN A 55 -3.29 11.58 8.02
N GLU A 56 -3.58 11.73 9.32
CA GLU A 56 -2.54 11.58 10.33
C GLU A 56 -2.01 10.15 10.33
N LEU A 57 -2.91 9.18 10.19
CA LEU A 57 -2.49 7.78 10.16
C LEU A 57 -1.53 7.59 8.99
N GLY A 58 -1.89 8.16 7.84
CA GLY A 58 -1.03 8.04 6.68
C GLY A 58 0.35 8.62 6.97
N GLU A 59 0.39 9.80 7.56
CA GLU A 59 1.66 10.44 7.88
C GLU A 59 2.49 9.50 8.76
N ARG A 60 1.83 8.91 9.76
CA ARG A 60 2.51 7.99 10.66
C ARG A 60 2.98 6.71 9.96
N GLN A 61 2.12 6.13 9.12
CA GLN A 61 2.49 4.92 8.43
C GLN A 61 3.58 5.21 7.41
N LEU A 62 3.59 6.42 6.88
CA LEU A 62 4.61 6.80 5.90
C LEU A 62 5.99 6.57 6.53
N VAL A 63 6.14 6.96 7.79
CA VAL A 63 7.42 6.79 8.48
C VAL A 63 7.84 5.32 8.51
N HIS A 64 6.91 4.44 8.83
CA HIS A 64 7.18 3.02 8.88
C HIS A 64 7.45 2.41 7.51
N VAL A 65 6.76 2.91 6.48
CA VAL A 65 6.98 2.40 5.13
C VAL A 65 8.40 2.75 4.67
N VAL A 66 8.86 3.95 4.97
CA VAL A 66 10.21 4.33 4.58
C VAL A 66 11.26 3.45 5.25
N LYS A 67 11.14 3.25 6.56
CA LYS A 67 12.11 2.42 7.28
C LYS A 67 12.06 0.96 6.81
N TRP A 68 10.84 0.48 6.56
CA TRP A 68 10.63 -0.88 6.07
C TRP A 68 11.31 -1.08 4.71
N ALA A 69 11.02 -0.19 3.77
CA ALA A 69 11.58 -0.27 2.41
C ALA A 69 13.10 -0.26 2.38
N LYS A 70 13.71 0.66 3.12
CA LYS A 70 15.16 0.76 3.16
C LYS A 70 15.84 -0.50 3.68
N ALA A 71 15.11 -1.30 4.44
CA ALA A 71 15.65 -2.53 5.01
C ALA A 71 15.37 -3.77 4.16
N LEU A 72 14.71 -3.57 3.01
CA LEU A 72 14.40 -4.68 2.11
C LEU A 72 15.62 -5.15 1.34
N PRO A 73 15.70 -6.45 1.06
CA PRO A 73 16.86 -6.97 0.31
C PRO A 73 17.06 -6.24 -1.03
N GLY A 74 18.27 -5.72 -1.23
CA GLY A 74 18.60 -5.03 -2.47
C GLY A 74 18.07 -3.62 -2.71
N PHE A 75 17.18 -3.12 -1.86
CA PHE A 75 16.62 -1.78 -2.06
C PHE A 75 17.66 -0.66 -2.12
N ARG A 76 18.68 -0.76 -1.27
CA ARG A 76 19.71 0.27 -1.25
C ARG A 76 20.57 0.31 -2.51
N ASN A 77 20.42 -0.69 -3.38
CA ASN A 77 21.18 -0.69 -4.61
C ASN A 77 20.57 0.32 -5.58
N LEU A 78 19.32 0.70 -5.34
CA LEU A 78 18.65 1.68 -6.19
C LEU A 78 19.22 3.07 -5.95
N HIS A 79 19.24 3.91 -6.98
CA HIS A 79 19.74 5.26 -6.83
C HIS A 79 18.85 5.95 -5.79
N VAL A 80 19.47 6.69 -4.89
CA VAL A 80 18.75 7.38 -3.82
C VAL A 80 17.48 8.10 -4.29
N ASP A 81 17.54 8.69 -5.48
CA ASP A 81 16.38 9.40 -6.02
C ASP A 81 15.30 8.42 -6.48
N ASP A 82 15.70 7.23 -6.93
CA ASP A 82 14.73 6.22 -7.34
C ASP A 82 14.09 5.62 -6.10
N GLN A 83 14.89 5.51 -5.04
CA GLN A 83 14.41 4.98 -3.78
C GLN A 83 13.25 5.86 -3.29
N MET A 84 13.45 7.18 -3.32
CA MET A 84 12.41 8.10 -2.89
C MET A 84 11.21 8.04 -3.82
N ALA A 85 11.48 7.89 -5.11
CA ALA A 85 10.42 7.84 -6.10
C ALA A 85 9.48 6.65 -5.93
N VAL A 86 10.00 5.43 -5.91
CA VAL A 86 9.11 4.27 -5.77
C VAL A 86 8.27 4.29 -4.50
N ILE A 87 8.84 4.82 -3.42
CA ILE A 87 8.10 4.92 -2.17
C ILE A 87 6.99 5.97 -2.31
N GLN A 88 7.30 7.09 -2.94
CA GLN A 88 6.34 8.16 -3.12
C GLN A 88 5.17 7.78 -4.02
N TYR A 89 5.40 6.87 -4.96
CA TYR A 89 4.34 6.44 -5.87
C TYR A 89 3.53 5.25 -5.37
N SER A 90 4.19 4.34 -4.68
CA SER A 90 3.54 3.12 -4.21
C SER A 90 2.97 3.08 -2.81
N TRP A 91 3.17 4.11 -2.00
CA TRP A 91 2.67 4.05 -0.63
C TRP A 91 1.18 3.78 -0.49
N MET A 92 0.36 4.37 -1.34
CA MET A 92 -1.08 4.17 -1.23
C MET A 92 -1.44 2.69 -1.33
N GLY A 93 -0.96 2.05 -2.39
CA GLY A 93 -1.22 0.63 -2.59
C GLY A 93 -0.65 -0.22 -1.46
N LEU A 94 0.56 0.12 -1.02
CA LEU A 94 1.20 -0.63 0.06
C LEU A 94 0.37 -0.59 1.33
N MET A 95 -0.09 0.61 1.69
CA MET A 95 -0.88 0.80 2.89
C MET A 95 -2.29 0.17 2.80
N VAL A 96 -2.92 0.26 1.63
CA VAL A 96 -4.24 -0.33 1.47
C VAL A 96 -4.17 -1.85 1.58
N PHE A 97 -3.14 -2.44 0.95
CA PHE A 97 -2.93 -3.89 0.98
C PHE A 97 -2.73 -4.40 2.40
N ALA A 98 -1.87 -3.71 3.17
CA ALA A 98 -1.61 -4.10 4.56
C ALA A 98 -2.85 -3.87 5.40
N MET A 99 -3.64 -2.87 5.06
CA MET A 99 -4.85 -2.59 5.81
C MET A 99 -5.84 -3.73 5.55
N GLY A 100 -5.88 -4.19 4.31
CA GLY A 100 -6.79 -5.28 3.96
C GLY A 100 -6.42 -6.52 4.76
N TRP A 101 -5.11 -6.76 4.90
CA TRP A 101 -4.65 -7.90 5.66
C TRP A 101 -5.05 -7.77 7.12
N ARG A 102 -4.91 -6.56 7.69
CA ARG A 102 -5.28 -6.32 9.09
C ARG A 102 -6.76 -6.57 9.31
N SER A 103 -7.58 -6.08 8.39
CA SER A 103 -9.02 -6.23 8.47
C SER A 103 -9.38 -7.71 8.45
N PHE A 104 -8.77 -8.44 7.52
CA PHE A 104 -9.01 -9.87 7.37
C PHE A 104 -8.70 -10.62 8.65
N THR A 105 -7.49 -10.43 9.16
CA THR A 105 -7.04 -11.12 10.37
C THR A 105 -7.65 -10.62 11.68
N ASN A 106 -8.20 -9.40 11.69
CA ASN A 106 -8.78 -8.85 12.91
C ASN A 106 -10.30 -8.92 13.01
N VAL A 107 -10.98 -8.23 12.11
CA VAL A 107 -12.44 -8.23 12.12
C VAL A 107 -12.98 -9.15 11.02
N ASN A 108 -12.14 -10.06 10.54
CA ASN A 108 -12.51 -11.00 9.50
C ASN A 108 -13.03 -10.32 8.24
N SER A 109 -12.48 -9.13 7.94
CA SER A 109 -12.86 -8.38 6.75
C SER A 109 -14.26 -7.77 6.80
N ARG A 110 -14.92 -7.85 7.95
CA ARG A 110 -16.27 -7.32 8.09
C ARG A 110 -16.27 -5.80 8.26
N MET A 111 -15.15 -5.28 8.74
CA MET A 111 -15.00 -3.84 8.93
C MET A 111 -13.61 -3.49 8.46
N LEU A 112 -13.35 -2.21 8.19
CA LEU A 112 -12.02 -1.81 7.75
C LEU A 112 -11.19 -1.41 8.95
N TYR A 113 -10.17 -2.22 9.20
CA TYR A 113 -9.27 -2.04 10.33
C TYR A 113 -8.08 -1.15 9.98
N PHE A 114 -8.34 0.15 9.82
CA PHE A 114 -7.28 1.09 9.48
C PHE A 114 -6.22 1.12 10.58
N ALA A 115 -6.67 1.21 11.83
CA ALA A 115 -5.78 1.23 12.99
C ALA A 115 -6.61 0.71 14.16
N PRO A 116 -5.95 0.34 15.27
CA PRO A 116 -6.69 -0.16 16.43
C PRO A 116 -7.71 0.87 16.92
N ASP A 117 -7.35 2.15 16.82
CA ASP A 117 -8.24 3.23 17.27
C ASP A 117 -9.02 3.90 16.13
N LEU A 118 -9.06 3.27 14.96
CA LEU A 118 -9.80 3.85 13.84
C LEU A 118 -10.35 2.72 12.96
N VAL A 119 -11.41 2.08 13.44
CA VAL A 119 -12.05 0.98 12.72
C VAL A 119 -13.33 1.51 12.10
N PHE A 120 -13.48 1.30 10.80
CA PHE A 120 -14.65 1.76 10.08
C PHE A 120 -15.79 0.75 10.00
N ASN A 121 -16.98 1.21 10.40
CA ASN A 121 -18.19 0.40 10.29
C ASN A 121 -18.90 1.06 9.10
N GLU A 122 -20.09 0.57 8.76
CA GLU A 122 -20.84 1.13 7.63
C GLU A 122 -21.13 2.63 7.80
N TYR A 123 -21.47 3.02 9.02
CA TYR A 123 -21.78 4.43 9.26
C TYR A 123 -20.58 5.30 8.88
N ARG A 124 -19.39 4.96 9.36
CA ARG A 124 -18.20 5.74 9.04
C ARG A 124 -17.88 5.68 7.55
N MET A 125 -18.11 4.54 6.91
CA MET A 125 -17.86 4.42 5.48
C MET A 125 -18.65 5.49 4.76
N HIS A 126 -19.89 5.71 5.20
CA HIS A 126 -20.77 6.71 4.59
C HIS A 126 -20.32 8.14 4.95
N LYS A 127 -20.02 8.35 6.23
CA LYS A 127 -19.60 9.65 6.74
C LYS A 127 -18.32 10.18 6.09
N SER A 128 -17.39 9.27 5.79
CA SER A 128 -16.12 9.64 5.16
C SER A 128 -16.29 10.06 3.70
N ARG A 129 -17.48 9.82 3.16
CA ARG A 129 -17.80 10.17 1.77
C ARG A 129 -17.01 9.32 0.77
N MET A 130 -16.47 8.20 1.22
CA MET A 130 -15.74 7.31 0.33
C MET A 130 -16.21 5.88 0.55
N TYR A 131 -17.53 5.71 0.51
CA TYR A 131 -18.16 4.42 0.73
C TYR A 131 -17.85 3.44 -0.40
N SER A 132 -17.94 3.89 -1.65
CA SER A 132 -17.65 3.00 -2.76
C SER A 132 -16.20 2.53 -2.71
N GLN A 133 -15.29 3.43 -2.34
CA GLN A 133 -13.89 3.03 -2.25
C GLN A 133 -13.71 2.04 -1.10
N CYS A 134 -14.40 2.28 0.01
CA CYS A 134 -14.31 1.37 1.16
C CYS A 134 -14.86 0.00 0.80
N VAL A 135 -15.89 -0.06 -0.03
CA VAL A 135 -16.46 -1.35 -0.42
C VAL A 135 -15.39 -2.13 -1.18
N ARG A 136 -14.70 -1.47 -2.10
CA ARG A 136 -13.65 -2.15 -2.85
C ARG A 136 -12.52 -2.62 -1.94
N MET A 137 -12.19 -1.83 -0.92
CA MET A 137 -11.13 -2.24 -0.01
C MET A 137 -11.60 -3.45 0.79
N ARG A 138 -12.89 -3.49 1.11
CA ARG A 138 -13.43 -4.63 1.86
C ARG A 138 -13.32 -5.88 0.97
N HIS A 139 -13.62 -5.73 -0.31
CA HIS A 139 -13.53 -6.86 -1.26
C HIS A 139 -12.09 -7.39 -1.28
N LEU A 140 -11.14 -6.47 -1.36
CA LEU A 140 -9.73 -6.86 -1.36
C LEU A 140 -9.44 -7.66 -0.11
N SER A 141 -9.89 -7.13 1.02
CA SER A 141 -9.70 -7.78 2.30
C SER A 141 -10.28 -9.20 2.33
N GLN A 142 -11.46 -9.37 1.74
CA GLN A 142 -12.10 -10.68 1.71
C GLN A 142 -11.34 -11.67 0.83
N GLU A 143 -10.67 -11.16 -0.19
CA GLU A 143 -9.89 -12.03 -1.07
C GLU A 143 -8.84 -12.81 -0.30
N PHE A 144 -8.25 -12.19 0.73
CA PHE A 144 -7.24 -12.88 1.53
C PHE A 144 -7.88 -14.13 2.10
N GLY A 145 -9.15 -14.01 2.48
CA GLY A 145 -9.87 -15.14 3.03
C GLY A 145 -10.28 -16.13 1.95
N TRP A 146 -10.89 -15.61 0.87
CA TRP A 146 -11.34 -16.45 -0.22
C TRP A 146 -10.23 -17.27 -0.87
N LEU A 147 -9.03 -16.69 -0.96
CA LEU A 147 -7.90 -17.36 -1.57
C LEU A 147 -7.01 -18.11 -0.58
N GLN A 148 -7.25 -17.92 0.70
CA GLN A 148 -6.43 -18.58 1.72
C GLN A 148 -4.97 -18.15 1.61
N ILE A 149 -4.76 -16.85 1.44
CA ILE A 149 -3.42 -16.30 1.32
C ILE A 149 -2.68 -16.56 2.62
N THR A 150 -1.47 -17.10 2.53
CA THR A 150 -0.67 -17.37 3.72
C THR A 150 0.11 -16.10 4.11
N PRO A 151 0.61 -16.05 5.36
CA PRO A 151 1.37 -14.87 5.80
C PRO A 151 2.61 -14.65 4.91
N GLN A 152 3.21 -15.75 4.45
CA GLN A 152 4.39 -15.68 3.61
C GLN A 152 4.06 -15.13 2.23
N GLU A 153 2.89 -15.50 1.70
CA GLU A 153 2.47 -15.02 0.40
C GLU A 153 2.17 -13.52 0.53
N PHE A 154 1.50 -13.17 1.62
CA PHE A 154 1.14 -11.79 1.87
C PHE A 154 2.40 -10.91 1.88
N LEU A 155 3.42 -11.35 2.62
CA LEU A 155 4.66 -10.60 2.75
C LEU A 155 5.40 -10.43 1.42
N CYS A 156 5.48 -11.48 0.61
CA CYS A 156 6.16 -11.37 -0.67
C CYS A 156 5.39 -10.50 -1.65
N MET A 157 4.07 -10.60 -1.61
CA MET A 157 3.22 -9.81 -2.47
C MET A 157 3.33 -8.33 -2.09
N LYS A 158 3.38 -8.04 -0.80
CA LYS A 158 3.45 -6.65 -0.36
C LYS A 158 4.79 -6.04 -0.78
N ALA A 159 5.86 -6.82 -0.68
CA ALA A 159 7.17 -6.34 -1.08
C ALA A 159 7.15 -6.01 -2.56
N LEU A 160 6.48 -6.86 -3.35
CA LEU A 160 6.36 -6.65 -4.78
C LEU A 160 5.57 -5.38 -5.13
N LEU A 161 4.60 -5.01 -4.30
CA LEU A 161 3.81 -3.80 -4.56
C LEU A 161 4.68 -2.53 -4.54
N LEU A 162 5.79 -2.57 -3.82
CA LEU A 162 6.68 -1.41 -3.77
C LEU A 162 7.33 -1.18 -5.14
N PHE A 163 7.46 -2.26 -5.91
CA PHE A 163 8.08 -2.21 -7.23
C PHE A 163 7.05 -2.35 -8.35
N SER A 164 5.86 -1.82 -8.12
CA SER A 164 4.80 -1.95 -9.11
C SER A 164 4.26 -0.66 -9.73
N ILE A 165 4.97 0.46 -9.56
CA ILE A 165 4.55 1.72 -10.15
C ILE A 165 5.74 2.66 -10.37
N ILE A 166 5.98 3.00 -11.63
CA ILE A 166 7.11 3.84 -12.02
C ILE A 166 6.78 4.84 -13.13
N PRO A 167 7.62 5.87 -13.29
CA PRO A 167 7.38 6.86 -14.34
C PRO A 167 7.55 6.22 -15.72
N VAL A 168 6.71 6.62 -16.68
CA VAL A 168 6.79 6.06 -18.02
C VAL A 168 8.12 6.40 -18.68
N ASP A 169 8.75 7.50 -18.25
CA ASP A 169 10.04 7.90 -18.79
C ASP A 169 11.16 7.15 -18.09
N GLY A 170 10.81 6.24 -17.19
CA GLY A 170 11.81 5.45 -16.48
C GLY A 170 12.44 6.12 -15.27
N LEU A 171 13.19 5.32 -14.51
CA LEU A 171 13.87 5.77 -13.31
C LEU A 171 15.34 6.08 -13.63
N LYS A 172 16.04 6.71 -12.69
CA LYS A 172 17.46 7.03 -12.88
C LYS A 172 18.19 5.79 -13.38
N ASN A 173 18.18 4.74 -12.56
CA ASN A 173 18.80 3.48 -12.95
C ASN A 173 17.69 2.45 -13.09
N GLN A 174 16.98 2.55 -14.21
CA GLN A 174 15.88 1.66 -14.52
C GLN A 174 16.34 0.20 -14.57
N LYS A 175 17.54 -0.03 -15.10
CA LYS A 175 18.06 -1.37 -15.22
C LYS A 175 18.16 -2.12 -13.89
N PHE A 176 18.62 -1.46 -12.83
CA PHE A 176 18.67 -2.18 -11.58
C PHE A 176 17.29 -2.33 -10.96
N PHE A 177 16.40 -1.39 -11.24
CA PHE A 177 15.05 -1.52 -10.72
C PHE A 177 14.44 -2.76 -11.37
N ASP A 178 14.68 -2.94 -12.66
CA ASP A 178 14.15 -4.09 -13.38
C ASP A 178 14.67 -5.41 -12.80
N GLU A 179 15.95 -5.45 -12.46
CA GLU A 179 16.53 -6.67 -11.89
C GLU A 179 15.94 -6.96 -10.53
N LEU A 180 15.81 -5.92 -9.73
CA LEU A 180 15.25 -6.06 -8.39
C LEU A 180 13.81 -6.58 -8.46
N ARG A 181 13.00 -5.96 -9.32
CA ARG A 181 11.61 -6.37 -9.46
C ARG A 181 11.55 -7.83 -9.88
N MET A 182 12.38 -8.20 -10.85
CA MET A 182 12.42 -9.58 -11.32
C MET A 182 12.75 -10.54 -10.18
N ASN A 183 13.67 -10.15 -9.30
CA ASN A 183 14.05 -11.01 -8.19
C ASN A 183 12.91 -11.21 -7.19
N TYR A 184 12.12 -10.17 -6.97
CA TYR A 184 11.01 -10.27 -6.05
C TYR A 184 9.89 -11.12 -6.64
N ILE A 185 9.81 -11.16 -7.97
CA ILE A 185 8.80 -11.99 -8.62
C ILE A 185 9.25 -13.44 -8.43
N LYS A 186 10.55 -13.68 -8.61
CA LYS A 186 11.15 -14.99 -8.46
C LYS A 186 10.91 -15.51 -7.04
N GLU A 187 11.04 -14.63 -6.05
CA GLU A 187 10.83 -15.02 -4.66
C GLU A 187 9.38 -15.41 -4.38
N LEU A 188 8.43 -14.70 -5.01
CA LEU A 188 7.02 -15.01 -4.83
C LEU A 188 6.71 -16.38 -5.45
N ASP A 189 7.24 -16.60 -6.65
CA ASP A 189 7.05 -17.86 -7.36
C ASP A 189 7.66 -18.98 -6.50
N ARG A 190 8.81 -18.71 -5.91
CA ARG A 190 9.49 -19.67 -5.06
C ARG A 190 8.67 -20.02 -3.82
N ILE A 191 8.02 -19.02 -3.22
CA ILE A 191 7.21 -19.24 -2.04
C ILE A 191 6.01 -20.10 -2.38
N ILE A 192 5.49 -19.94 -3.60
CA ILE A 192 4.36 -20.72 -4.05
C ILE A 192 4.78 -22.18 -4.29
N ALA A 193 5.93 -22.35 -4.93
CA ALA A 193 6.47 -23.67 -5.24
C ALA A 193 7.08 -24.38 -4.03
N CYS A 194 7.48 -23.61 -3.03
CA CYS A 194 8.08 -24.17 -1.81
C CYS A 194 7.02 -24.87 -0.96
N LYS A 195 5.77 -24.83 -1.43
CA LYS A 195 4.67 -25.46 -0.69
C LYS A 195 3.79 -26.30 -1.61
N ARG A 196 4.22 -26.48 -2.87
CA ARG A 196 3.45 -27.26 -3.84
C ARG A 196 4.34 -28.10 -4.76
N LYS A 197 3.84 -29.28 -5.11
CA LYS A 197 4.59 -30.19 -5.98
C LYS A 197 4.00 -30.18 -7.39
N ASN A 198 2.69 -30.02 -7.49
CA ASN A 198 2.02 -30.01 -8.79
C ASN A 198 2.24 -28.71 -9.55
N PRO A 199 2.51 -28.79 -10.87
CA PRO A 199 2.73 -27.62 -11.72
C PRO A 199 1.46 -26.84 -12.01
N THR A 200 0.35 -27.56 -12.17
CA THR A 200 -0.94 -26.93 -12.44
C THR A 200 -1.39 -26.13 -11.22
N SER A 201 -1.06 -26.63 -10.03
CA SER A 201 -1.43 -25.95 -8.80
C SER A 201 -0.60 -24.68 -8.66
N CYS A 202 0.72 -24.83 -8.83
CA CYS A 202 1.63 -23.69 -8.74
C CYS A 202 1.23 -22.64 -9.75
N SER A 203 1.05 -23.07 -11.00
CA SER A 203 0.66 -22.17 -12.08
C SER A 203 -0.69 -21.51 -11.82
N ARG A 204 -1.60 -22.24 -11.19
CA ARG A 204 -2.91 -21.71 -10.87
C ARG A 204 -2.81 -20.66 -9.77
N ARG A 205 -1.97 -20.95 -8.78
CA ARG A 205 -1.76 -20.05 -7.65
C ARG A 205 -1.09 -18.76 -8.08
N PHE A 206 -0.04 -18.88 -8.90
CA PHE A 206 0.69 -17.71 -9.38
C PHE A 206 -0.26 -16.81 -10.14
N TYR A 207 -1.18 -17.43 -10.88
CA TYR A 207 -2.16 -16.68 -11.64
C TYR A 207 -3.09 -15.89 -10.71
N GLN A 208 -3.58 -16.57 -9.68
CA GLN A 208 -4.49 -15.96 -8.70
C GLN A 208 -3.84 -14.80 -7.95
N LEU A 209 -2.60 -14.99 -7.52
CA LEU A 209 -1.90 -13.95 -6.78
C LEU A 209 -1.52 -12.74 -7.63
N THR A 210 -1.08 -12.96 -8.87
CA THR A 210 -0.75 -11.84 -9.74
C THR A 210 -2.01 -11.06 -10.08
N LYS A 211 -3.14 -11.77 -10.12
CA LYS A 211 -4.42 -11.15 -10.40
C LYS A 211 -4.82 -10.28 -9.19
N LEU A 212 -4.56 -10.80 -7.99
CA LEU A 212 -4.85 -10.07 -6.77
C LEU A 212 -4.02 -8.78 -6.71
N LEU A 213 -2.72 -8.90 -6.97
CA LEU A 213 -1.82 -7.75 -6.97
C LEU A 213 -2.33 -6.67 -7.93
N ASP A 214 -2.67 -7.09 -9.15
CA ASP A 214 -3.20 -6.16 -10.15
C ASP A 214 -4.43 -5.41 -9.64
N SER A 215 -5.33 -6.12 -8.95
CA SER A 215 -6.55 -5.52 -8.45
C SER A 215 -6.29 -4.37 -7.45
N VAL A 216 -5.11 -4.35 -6.84
CA VAL A 216 -4.80 -3.29 -5.89
C VAL A 216 -4.68 -1.92 -6.57
N GLN A 217 -4.14 -1.90 -7.79
CA GLN A 217 -3.93 -0.65 -8.51
C GLN A 217 -5.18 0.20 -8.76
N PRO A 218 -6.26 -0.41 -9.28
CA PRO A 218 -7.48 0.38 -9.53
C PRO A 218 -7.97 1.07 -8.25
N ILE A 219 -7.89 0.34 -7.14
CA ILE A 219 -8.32 0.88 -5.85
C ILE A 219 -7.43 2.05 -5.44
N ALA A 220 -6.11 1.85 -5.53
CA ALA A 220 -5.16 2.89 -5.17
C ALA A 220 -5.41 4.14 -6.03
N ARG A 221 -5.76 3.90 -7.29
CA ARG A 221 -6.04 4.99 -8.23
C ARG A 221 -7.24 5.83 -7.78
N GLU A 222 -8.30 5.18 -7.31
CA GLU A 222 -9.47 5.92 -6.86
C GLU A 222 -9.14 6.75 -5.62
N LEU A 223 -8.33 6.17 -4.73
CA LEU A 223 -7.94 6.86 -3.52
C LEU A 223 -7.02 8.04 -3.86
N HIS A 224 -6.19 7.85 -4.88
CA HIS A 224 -5.27 8.91 -5.32
C HIS A 224 -6.09 10.12 -5.79
N GLN A 225 -7.10 9.84 -6.61
CA GLN A 225 -7.97 10.89 -7.14
C GLN A 225 -8.73 11.56 -6.01
N PHE A 226 -9.27 10.74 -5.12
CA PHE A 226 -10.04 11.25 -3.99
C PHE A 226 -9.22 12.14 -3.05
N THR A 227 -8.03 11.71 -2.67
CA THR A 227 -7.20 12.50 -1.76
C THR A 227 -6.67 13.78 -2.41
N PHE A 228 -6.43 13.73 -3.72
CA PHE A 228 -5.97 14.90 -4.44
C PHE A 228 -7.08 15.95 -4.42
N ASP A 229 -8.28 15.56 -4.83
CA ASP A 229 -9.40 16.48 -4.82
C ASP A 229 -9.65 17.04 -3.42
N LEU A 230 -9.51 16.19 -2.42
CA LEU A 230 -9.72 16.61 -1.04
C LEU A 230 -8.66 17.62 -0.60
N LEU A 231 -7.42 17.46 -1.06
CA LEU A 231 -6.35 18.37 -0.69
C LEU A 231 -6.63 19.77 -1.24
N ILE A 232 -7.04 19.84 -2.50
CA ILE A 232 -7.35 21.10 -3.16
C ILE A 232 -8.31 21.94 -2.32
N LYS A 233 -9.38 21.34 -1.84
CA LYS A 233 -10.35 22.10 -1.04
C LYS A 233 -10.40 21.71 0.43
N SER A 234 -9.28 21.24 0.96
CA SER A 234 -9.21 20.83 2.36
C SER A 234 -9.54 21.98 3.31
N HIS A 235 -9.18 23.19 2.92
CA HIS A 235 -9.45 24.37 3.74
C HIS A 235 -10.94 24.73 3.82
N MET A 236 -11.71 24.27 2.85
CA MET A 236 -13.14 24.54 2.82
C MET A 236 -13.99 23.47 3.50
N VAL A 237 -13.40 22.31 3.77
CA VAL A 237 -14.13 21.24 4.43
C VAL A 237 -13.54 20.89 5.80
N SER A 238 -12.59 21.72 6.24
CA SER A 238 -11.93 21.54 7.53
C SER A 238 -11.19 20.22 7.71
N VAL A 239 -10.46 19.81 6.68
CA VAL A 239 -9.68 18.57 6.74
C VAL A 239 -8.20 18.92 6.77
N ASP A 240 -7.52 18.50 7.84
CA ASP A 240 -6.10 18.77 7.99
C ASP A 240 -5.22 17.72 7.31
N PHE A 241 -4.25 18.20 6.53
CA PHE A 241 -3.30 17.31 5.87
C PHE A 241 -1.92 17.53 6.48
N PRO A 242 -1.29 16.46 6.99
CA PRO A 242 0.05 16.59 7.59
C PRO A 242 1.06 17.00 6.54
N GLU A 243 2.23 17.45 6.98
CA GLU A 243 3.29 17.92 6.09
C GLU A 243 3.71 16.98 4.93
N MET A 244 4.21 15.80 5.27
CA MET A 244 4.67 14.88 4.24
C MET A 244 3.54 14.48 3.29
N MET A 245 2.36 14.21 3.83
CA MET A 245 1.21 13.84 3.01
C MET A 245 0.90 14.97 2.02
N ALA A 246 0.82 16.20 2.52
CA ALA A 246 0.52 17.35 1.68
C ALA A 246 1.53 17.53 0.54
N GLU A 247 2.80 17.32 0.84
CA GLU A 247 3.85 17.47 -0.14
C GLU A 247 3.76 16.38 -1.22
N ILE A 248 3.65 15.13 -0.79
CA ILE A 248 3.56 14.03 -1.74
C ILE A 248 2.28 14.08 -2.58
N ILE A 249 1.17 14.47 -1.97
CA ILE A 249 -0.09 14.50 -2.73
C ILE A 249 -0.18 15.64 -3.74
N SER A 250 0.58 16.71 -3.54
CA SER A 250 0.55 17.83 -4.47
C SER A 250 1.66 17.77 -5.51
N VAL A 251 2.70 16.99 -5.23
CA VAL A 251 3.84 16.87 -6.14
C VAL A 251 3.93 15.53 -6.87
N GLN A 252 3.80 14.44 -6.13
CA GLN A 252 3.91 13.10 -6.74
C GLN A 252 2.58 12.52 -7.25
N VAL A 253 1.51 12.65 -6.48
CA VAL A 253 0.22 12.10 -6.90
C VAL A 253 -0.24 12.65 -8.26
N PRO A 254 -0.11 13.97 -8.50
CA PRO A 254 -0.54 14.53 -9.78
C PRO A 254 0.18 13.91 -10.96
N LYS A 255 1.39 13.43 -10.74
CA LYS A 255 2.16 12.80 -11.80
C LYS A 255 1.52 11.47 -12.17
N ILE A 256 0.86 10.84 -11.21
CA ILE A 256 0.18 9.57 -11.47
C ILE A 256 -1.14 9.87 -12.18
N LEU A 257 -1.90 10.82 -11.63
CA LEU A 257 -3.18 11.19 -12.19
C LEU A 257 -3.06 11.77 -13.61
N SER A 258 -1.94 12.41 -13.93
CA SER A 258 -1.75 12.99 -15.26
C SER A 258 -1.19 11.99 -16.26
N GLY A 259 -0.85 10.78 -15.79
CA GLY A 259 -0.33 9.76 -16.69
C GLY A 259 1.18 9.68 -16.85
N LYS A 260 1.92 10.48 -16.09
CA LYS A 260 3.38 10.45 -16.16
C LYS A 260 3.94 9.23 -15.41
N VAL A 261 3.19 8.76 -14.43
CA VAL A 261 3.59 7.61 -13.63
C VAL A 261 2.48 6.57 -13.74
N LYS A 262 2.84 5.33 -14.09
CA LYS A 262 1.84 4.28 -14.25
C LYS A 262 2.17 2.96 -13.58
N PRO A 263 1.13 2.23 -13.16
CA PRO A 263 1.32 0.94 -12.50
C PRO A 263 1.86 -0.08 -13.50
N ILE A 264 2.49 -1.12 -12.97
CA ILE A 264 3.01 -2.19 -13.79
C ILE A 264 2.05 -3.36 -13.55
N TYR A 265 1.18 -3.66 -14.52
CA TYR A 265 0.26 -4.78 -14.36
C TYR A 265 0.87 -6.06 -14.90
N PHE A 266 0.49 -7.19 -14.31
CA PHE A 266 0.99 -8.48 -14.79
C PHE A 266 0.17 -8.85 -16.01
N HIS A 267 -1.15 -8.69 -15.88
CA HIS A 267 -2.10 -9.02 -16.93
C HIS A 267 -2.60 -7.78 -17.67
N THR A 268 -2.97 -7.95 -18.92
CA THR A 268 -3.46 -6.86 -19.75
C THR A 268 -4.99 -6.82 -19.67
N SER B 1 11.67 20.03 5.82
CA SER B 1 10.96 18.92 5.12
C SER B 1 11.22 17.61 5.86
N ARG B 2 10.19 17.11 6.55
CA ARG B 2 10.32 15.87 7.29
C ARG B 2 10.65 14.72 6.36
N TRP B 3 10.20 14.82 5.11
CA TRP B 3 10.44 13.78 4.13
C TRP B 3 11.91 13.56 3.81
N GLN B 4 12.61 14.63 3.45
CA GLN B 4 14.02 14.51 3.13
C GLN B 4 14.77 14.03 4.36
N ALA B 5 14.37 14.53 5.52
CA ALA B 5 15.00 14.16 6.78
C ALA B 5 14.77 12.68 7.06
N LEU B 6 13.74 12.11 6.46
CA LEU B 6 13.41 10.71 6.65
C LEU B 6 14.42 9.81 5.93
N PHE B 7 14.94 10.28 4.81
CA PHE B 7 15.93 9.54 4.03
C PHE B 7 17.33 9.86 4.52
N ASP B 8 17.52 11.14 4.82
CA ASP B 8 18.81 11.62 5.30
C ASP B 8 19.15 11.00 6.66
#